data_8SCF
#
_entry.id   8SCF
#
_entity_poly.entity_id   1
_entity_poly.type   'polyribonucleotide'
_entity_poly.pdbx_seq_one_letter_code
;GCGUUUAUAUAACAUGAAAUAUAUAUACGC
;
_entity_poly.pdbx_strand_id   A
#
loop_
_chem_comp.id
_chem_comp.type
_chem_comp.name
_chem_comp.formula
A RNA linking ADENOSINE-5'-MONOPHOSPHATE 'C10 H14 N5 O7 P'
C RNA linking CYTIDINE-5'-MONOPHOSPHATE 'C9 H14 N3 O8 P'
G RNA linking GUANOSINE-5'-MONOPHOSPHATE 'C10 H14 N5 O8 P'
U RNA linking URIDINE-5'-MONOPHOSPHATE 'C9 H13 N2 O9 P'
#